data_4IXE
#
_entry.id   4IXE
#
_cell.length_a   36.708
_cell.length_b   42.719
_cell.length_c   58.481
_cell.angle_alpha   90.00
_cell.angle_beta   93.59
_cell.angle_gamma   90.00
#
_symmetry.space_group_name_H-M   'P 1 21 1'
#
loop_
_entity.id
_entity.type
_entity.pdbx_description
1 polymer 'Dihydrofolate reductase'
2 non-polymer N~6~-methyl-N~6~-(3,4,5-trifluorophenyl)pyrido[2,3-d]pyrimidine-2,4,6-triamine
3 non-polymer 'NADPH DIHYDRO-NICOTINAMIDE-ADENINE-DINUCLEOTIDE PHOSPHATE'
4 water water
#
_entity_poly.entity_id   1
_entity_poly.type   'polypeptide(L)'
_entity_poly.pdbx_seq_one_letter_code
;MNQQKSLTLIVALTTSYGIGRSNSLPWKLKKEISYFKRVTSFVPTFDSFESMNVVLMGRKTWESIPLQFRPLKGRINVVI
TRNESLDLGNGIHSAKSLDHALELLYRTYGSESSVQINRIFVIGGAQLYKAAMDHPKLDRIMATIIYKDIHCDVFFPLKF
RDKEWSSVWKKEKHSDLESWVGTKVPHGKINEDGFDYEFEMWTRDL
;
_entity_poly.pdbx_strand_id   D
#
# COMPACT_ATOMS: atom_id res chain seq x y z
N MET A 1 3.74 -3.72 22.97
CA MET A 1 4.16 -2.34 22.53
C MET A 1 4.34 -2.31 21.01
N ASN A 2 3.59 -3.16 20.30
CA ASN A 2 3.86 -3.39 18.88
C ASN A 2 2.68 -3.62 17.92
N GLN A 3 1.54 -4.14 18.39
CA GLN A 3 0.37 -4.38 17.50
C GLN A 3 -0.94 -3.64 17.82
N GLN A 4 -0.82 -2.36 18.15
CA GLN A 4 -1.99 -1.53 18.43
C GLN A 4 -2.48 -0.80 17.16
N LYS A 5 -1.98 -1.24 15.99
CA LYS A 5 -2.32 -0.60 14.73
C LYS A 5 -2.54 -1.60 13.58
N SER A 6 -3.62 -1.36 12.82
CA SER A 6 -3.95 -2.14 11.64
C SER A 6 -3.00 -1.77 10.53
N LEU A 7 -2.81 -2.70 9.61
CA LEU A 7 -2.02 -2.45 8.37
C LEU A 7 -3.06 -2.34 7.23
N THR A 8 -2.76 -1.50 6.24
CA THR A 8 -3.57 -1.46 5.06
C THR A 8 -2.64 -1.79 3.88
N LEU A 9 -3.14 -2.58 2.93
CA LEU A 9 -2.39 -2.90 1.73
C LEU A 9 -3.00 -2.08 0.60
N ILE A 10 -2.18 -1.45 -0.24
CA ILE A 10 -2.73 -0.77 -1.45
C ILE A 10 -2.00 -1.43 -2.63
N VAL A 11 -2.78 -1.72 -3.67
CA VAL A 11 -2.29 -2.48 -4.83
C VAL A 11 -3.10 -2.16 -6.09
N ALA A 12 -2.48 -2.23 -7.26
CA ALA A 12 -3.18 -2.19 -8.53
C ALA A 12 -2.95 -3.54 -9.15
N LEU A 13 -4.00 -4.18 -9.61
CA LEU A 13 -3.87 -5.56 -10.12
C LEU A 13 -4.87 -5.88 -11.19
N THR A 14 -4.46 -6.82 -12.04
CA THR A 14 -5.45 -7.24 -13.08
C THR A 14 -6.46 -8.22 -12.53
N THR A 15 -7.44 -8.52 -13.35
CA THR A 15 -8.40 -9.61 -13.06
C THR A 15 -7.78 -10.99 -13.00
N SER A 16 -6.55 -11.14 -13.47
CA SER A 16 -5.84 -12.38 -13.24
C SER A 16 -4.76 -12.25 -12.14
N TYR A 17 -4.86 -11.17 -11.33
CA TYR A 17 -3.97 -10.89 -10.16
C TYR A 17 -2.53 -10.54 -10.57
N GLY A 18 -2.40 -10.11 -11.83
CA GLY A 18 -1.08 -9.66 -12.25
C GLY A 18 -0.78 -8.31 -11.69
N ILE A 19 0.43 -8.13 -11.16
CA ILE A 19 0.81 -6.80 -10.58
C ILE A 19 2.06 -6.16 -11.19
N GLY A 20 2.80 -6.88 -12.04
CA GLY A 20 4.02 -6.25 -12.50
C GLY A 20 4.65 -6.99 -13.65
N ARG A 21 5.56 -6.29 -14.35
CA ARG A 21 6.26 -6.88 -15.49
C ARG A 21 7.61 -6.14 -15.58
N SER A 22 8.70 -6.89 -15.61
CA SER A 22 10.05 -6.26 -15.80
C SER A 22 10.38 -5.17 -14.80
N ASN A 23 10.13 -5.46 -13.52
CA ASN A 23 10.28 -4.48 -12.43
C ASN A 23 9.61 -3.14 -12.61
N SER A 24 8.52 -3.12 -13.40
CA SER A 24 7.67 -1.94 -13.39
C SER A 24 6.23 -2.33 -13.49
N LEU A 25 5.37 -1.33 -13.60
CA LEU A 25 3.89 -1.55 -13.75
C LEU A 25 3.54 -1.42 -15.21
N PRO A 26 2.88 -2.45 -15.82
CA PRO A 26 2.68 -2.37 -17.29
C PRO A 26 1.43 -1.64 -17.65
N TRP A 27 1.28 -0.45 -17.08
CA TRP A 27 0.16 0.43 -17.46
C TRP A 27 0.46 1.87 -17.15
N LYS A 28 -0.21 2.81 -17.84
CA LYS A 28 -0.01 4.24 -17.59
C LYS A 28 -1.35 4.89 -17.34
N LEU A 29 -1.63 5.03 -16.03
CA LEU A 29 -2.92 5.46 -15.59
C LEU A 29 -2.85 6.71 -14.75
N LYS A 30 -3.33 7.81 -15.33
CA LYS A 30 -3.21 9.07 -14.68
C LYS A 30 -3.96 9.16 -13.39
N LYS A 31 -5.23 8.74 -13.39
CA LYS A 31 -5.97 8.77 -12.14
C LYS A 31 -5.33 7.87 -11.08
N GLU A 32 -4.73 6.75 -11.53
CA GLU A 32 -4.22 5.81 -10.54
C GLU A 32 -3.07 6.45 -9.79
N ILE A 33 -2.24 7.21 -10.52
CA ILE A 33 -1.14 7.96 -9.92
C ILE A 33 -1.67 8.94 -8.84
N SER A 34 -2.68 9.73 -9.22
CA SER A 34 -3.28 10.74 -8.34
C SER A 34 -3.82 10.03 -7.09
N TYR A 35 -4.46 8.91 -7.30
CA TYR A 35 -5.15 8.18 -6.25
C TYR A 35 -4.14 7.57 -5.29
N PHE A 36 -3.09 6.95 -5.82
CA PHE A 36 -2.08 6.38 -4.90
C PHE A 36 -1.46 7.46 -4.04
N LYS A 37 -1.19 8.60 -4.66
CA LYS A 37 -0.56 9.68 -3.87
C LYS A 37 -1.51 10.17 -2.75
N ARG A 38 -2.76 10.40 -3.15
CA ARG A 38 -3.74 10.87 -2.16
C ARG A 38 -3.95 9.87 -1.04
N VAL A 39 -4.21 8.63 -1.38
CA VAL A 39 -4.54 7.67 -0.32
C VAL A 39 -3.40 7.45 0.64
N THR A 40 -2.18 7.29 0.10
CA THR A 40 -1.09 7.05 1.00
C THR A 40 -0.69 8.30 1.79
N SER A 41 -1.02 9.52 1.32
CA SER A 41 -0.55 10.72 2.02
C SER A 41 -1.57 11.32 2.95
N PHE A 42 -2.86 11.07 2.70
CA PHE A 42 -3.98 11.69 3.44
C PHE A 42 -3.96 11.37 4.90
N VAL A 43 -3.99 12.42 5.77
CA VAL A 43 -4.14 12.22 7.22
C VAL A 43 -5.48 12.94 7.61
N PRO A 44 -6.48 12.23 8.10
CA PRO A 44 -7.68 12.89 8.64
C PRO A 44 -7.32 14.00 9.62
N THR A 45 -8.10 15.09 9.56
CA THR A 45 -7.83 16.18 10.47
C THR A 45 -8.16 15.94 11.92
N PHE A 46 -8.83 14.84 12.23
CA PHE A 46 -9.02 14.52 13.65
C PHE A 46 -7.81 13.77 14.19
N ASP A 47 -6.92 13.34 13.29
CA ASP A 47 -5.66 12.63 13.79
C ASP A 47 -4.65 13.71 14.33
N SER A 48 -3.65 13.31 15.12
CA SER A 48 -2.82 14.33 15.79
C SER A 48 -2.07 15.21 14.81
N PHE A 49 -1.76 16.41 15.26
CA PHE A 49 -1.02 17.38 14.46
C PHE A 49 0.28 16.83 13.91
N GLU A 50 0.98 16.08 14.74
CA GLU A 50 2.23 15.44 14.25
C GLU A 50 2.08 14.28 13.24
N SER A 51 0.85 13.90 12.89
CA SER A 51 0.64 12.58 12.25
C SER A 51 1.13 12.59 10.81
N MET A 52 1.78 11.46 10.42
CA MET A 52 2.15 11.25 9.00
C MET A 52 1.95 9.78 8.76
N ASN A 53 1.54 9.45 7.54
CA ASN A 53 1.40 8.02 7.18
C ASN A 53 2.74 7.39 6.85
N VAL A 54 2.77 6.05 6.97
CA VAL A 54 3.96 5.25 6.60
C VAL A 54 3.71 4.44 5.34
N VAL A 55 4.72 4.37 4.44
CA VAL A 55 4.70 3.42 3.32
C VAL A 55 5.82 2.40 3.57
N LEU A 56 5.41 1.12 3.59
CA LEU A 56 6.38 -0.01 3.69
C LEU A 56 6.53 -0.65 2.34
N MET A 57 7.75 -0.92 1.89
CA MET A 57 7.90 -1.44 0.54
C MET A 57 9.09 -2.41 0.56
N GLY A 58 9.02 -3.38 -0.32
CA GLY A 58 10.18 -4.26 -0.62
C GLY A 58 11.36 -3.59 -1.27
N ARG A 59 12.55 -4.20 -1.13
CA ARG A 59 13.74 -3.59 -1.66
C ARG A 59 13.73 -3.41 -3.21
N LYS A 60 13.18 -4.39 -3.94
CA LYS A 60 13.09 -4.25 -5.41
C LYS A 60 12.14 -3.13 -5.80
N THR A 61 11.06 -2.95 -5.03
CA THR A 61 10.16 -1.81 -5.31
C THR A 61 10.88 -0.48 -5.05
N TRP A 62 11.60 -0.37 -3.95
CA TRP A 62 12.37 0.85 -3.68
C TRP A 62 13.31 1.14 -4.85
N GLU A 63 13.96 0.08 -5.35
CA GLU A 63 15.01 0.28 -6.38
C GLU A 63 14.31 0.64 -7.70
N SER A 64 13.01 0.36 -7.82
CA SER A 64 12.22 0.69 -9.04
C SER A 64 11.70 2.13 -9.04
N ILE A 65 11.78 2.81 -7.90
CA ILE A 65 11.34 4.17 -7.89
C ILE A 65 12.44 5.05 -8.42
N PRO A 66 12.14 5.91 -9.42
CA PRO A 66 13.26 6.76 -9.87
C PRO A 66 13.78 7.63 -8.73
N LEU A 67 15.10 7.84 -8.69
CA LEU A 67 15.73 8.63 -7.71
C LEU A 67 14.99 9.97 -7.59
N GLN A 68 14.50 10.56 -8.64
CA GLN A 68 13.90 11.87 -8.44
C GLN A 68 12.56 11.92 -7.67
N PHE A 69 12.02 10.75 -7.45
CA PHE A 69 10.73 10.62 -6.75
C PHE A 69 10.92 9.97 -5.37
N ARG A 70 12.17 9.78 -4.97
CA ARG A 70 12.56 9.15 -3.68
C ARG A 70 13.11 10.12 -2.75
N PRO A 71 12.80 9.98 -1.45
CA PRO A 71 11.75 9.07 -0.93
C PRO A 71 10.38 9.61 -1.34
N LEU A 72 9.34 8.79 -1.17
CA LEU A 72 7.98 9.29 -1.49
C LEU A 72 7.60 10.37 -0.51
N LYS A 73 7.39 11.61 -0.99
CA LYS A 73 7.30 12.79 -0.18
C LYS A 73 6.10 12.74 0.75
N GLY A 74 6.26 13.23 1.97
CA GLY A 74 5.10 13.54 2.84
C GLY A 74 4.61 12.26 3.49
N ARG A 75 5.46 11.23 3.43
CA ARG A 75 5.13 9.92 4.06
C ARG A 75 6.41 9.42 4.69
N ILE A 76 6.30 8.67 5.78
CA ILE A 76 7.48 8.00 6.37
C ILE A 76 7.81 6.76 5.54
N ASN A 77 8.98 6.66 4.92
CA ASN A 77 9.30 5.54 4.05
C ASN A 77 10.12 4.49 4.80
N VAL A 78 9.77 3.22 4.59
CA VAL A 78 10.57 2.10 5.19
C VAL A 78 10.74 1.06 4.12
N VAL A 79 12.01 0.60 3.92
CA VAL A 79 12.32 -0.45 2.99
C VAL A 79 12.57 -1.74 3.74
N ILE A 80 11.88 -2.82 3.34
CA ILE A 80 12.13 -4.12 3.97
C ILE A 80 13.18 -4.84 3.12
N THR A 81 14.26 -5.18 3.84
CA THR A 81 15.37 -5.89 3.15
C THR A 81 16.08 -6.67 4.27
N ARG A 82 16.66 -7.82 3.89
CA ARG A 82 17.52 -8.56 4.84
C ARG A 82 18.95 -8.14 4.64
N ASN A 83 19.22 -7.17 3.78
CA ASN A 83 20.58 -6.65 3.59
C ASN A 83 20.84 -5.50 4.54
N GLU A 84 21.36 -5.81 5.72
CA GLU A 84 21.79 -4.84 6.77
C GLU A 84 22.70 -3.74 6.27
N SER A 85 23.42 -3.99 5.20
CA SER A 85 24.50 -3.07 4.80
C SER A 85 24.06 -2.05 3.77
N LEU A 86 22.93 -2.31 3.13
CA LEU A 86 22.41 -1.51 2.06
C LEU A 86 22.12 -0.10 2.52
N ASP A 87 22.74 0.88 1.86
CA ASP A 87 22.55 2.31 2.14
C ASP A 87 21.36 2.94 1.38
N LEU A 88 20.31 3.30 2.13
CA LEU A 88 19.08 3.89 1.56
C LEU A 88 19.16 5.42 1.38
N GLY A 89 19.96 6.03 2.24
CA GLY A 89 20.09 7.48 2.27
C GLY A 89 18.91 8.22 2.85
N ASN A 90 19.11 9.49 3.15
CA ASN A 90 18.09 10.45 3.60
C ASN A 90 17.39 10.07 4.88
N GLY A 91 17.99 9.14 5.63
CA GLY A 91 17.32 8.74 6.86
C GLY A 91 16.20 7.76 6.62
N ILE A 92 16.10 7.21 5.39
CA ILE A 92 15.00 6.24 5.13
C ILE A 92 15.26 5.05 6.02
N HIS A 93 14.23 4.54 6.63
CA HIS A 93 14.37 3.38 7.50
C HIS A 93 14.51 2.07 6.74
N SER A 94 15.33 1.18 7.27
CA SER A 94 15.49 -0.17 6.69
C SER A 94 15.15 -1.16 7.80
N ALA A 95 14.42 -2.21 7.44
CA ALA A 95 14.06 -3.25 8.41
C ALA A 95 14.08 -4.60 7.77
N LYS A 96 14.27 -5.64 8.61
CA LYS A 96 14.51 -6.96 8.02
C LYS A 96 13.20 -7.81 7.95
N SER A 97 12.10 -7.28 8.39
CA SER A 97 10.77 -7.90 8.20
C SER A 97 9.69 -6.90 8.43
N LEU A 98 8.44 -7.28 8.16
CA LEU A 98 7.31 -6.42 8.48
C LEU A 98 7.27 -6.12 9.98
N ASP A 99 7.45 -7.12 10.83
CA ASP A 99 7.36 -6.78 12.26
C ASP A 99 8.58 -6.01 12.80
N HIS A 100 9.72 -6.24 12.19
CA HIS A 100 10.88 -5.41 12.55
C HIS A 100 10.65 -4.00 12.13
N ALA A 101 9.96 -3.79 11.01
CA ALA A 101 9.63 -2.37 10.63
C ALA A 101 8.69 -1.75 11.60
N LEU A 102 7.68 -2.51 12.08
CA LEU A 102 6.68 -1.97 13.05
C LEU A 102 7.40 -1.64 14.35
N GLU A 103 8.31 -2.50 14.81
CA GLU A 103 9.02 -2.21 16.06
C GLU A 103 9.92 -0.97 15.89
N LEU A 104 10.57 -0.86 14.73
CA LEU A 104 11.46 0.29 14.52
C LEU A 104 10.63 1.60 14.52
N LEU A 105 9.47 1.54 13.87
CA LEU A 105 8.61 2.71 13.80
C LEU A 105 8.16 3.14 15.18
N TYR A 106 7.74 2.24 16.04
CA TYR A 106 7.25 2.63 17.34
C TYR A 106 8.36 3.11 18.22
N ARG A 107 9.56 2.54 18.05
CA ARG A 107 10.72 3.01 18.78
C ARG A 107 11.16 4.40 18.36
N THR A 108 11.08 4.69 17.06
CA THR A 108 11.57 5.95 16.55
C THR A 108 10.52 7.04 16.74
N TYR A 109 9.23 6.75 16.53
CA TYR A 109 8.22 7.83 16.54
C TYR A 109 7.38 7.63 17.76
N GLY A 110 7.90 8.13 18.86
CA GLY A 110 7.42 7.71 20.17
C GLY A 110 6.54 8.81 20.71
N SER A 111 6.51 8.91 22.04
CA SER A 111 5.55 9.73 22.78
C SER A 111 5.77 11.22 22.49
N GLU A 112 7.05 11.56 22.51
CA GLU A 112 7.58 12.90 22.37
C GLU A 112 7.67 13.46 20.93
N SER A 113 7.77 12.56 19.95
CA SER A 113 8.40 12.87 18.64
C SER A 113 7.56 13.93 17.93
N SER A 114 8.21 14.79 17.17
CA SER A 114 7.53 15.82 16.38
C SER A 114 6.82 15.19 15.18
N VAL A 115 7.16 13.94 14.90
CA VAL A 115 6.39 13.18 13.89
C VAL A 115 5.87 11.91 14.55
N GLN A 116 4.56 11.63 14.35
CA GLN A 116 3.89 10.46 14.89
C GLN A 116 3.24 9.61 13.77
N ILE A 117 3.25 8.31 13.94
CA ILE A 117 2.69 7.42 12.93
C ILE A 117 1.19 7.45 12.87
N ASN A 118 0.70 7.57 11.63
CA ASN A 118 -0.73 7.50 11.43
C ASN A 118 -1.12 6.16 10.74
N ARG A 119 -1.54 6.19 9.49
CA ARG A 119 -1.88 4.97 8.82
C ARG A 119 -0.63 4.31 8.28
N ILE A 120 -0.60 2.99 8.24
CA ILE A 120 0.57 2.24 7.71
C ILE A 120 0.14 1.48 6.50
N PHE A 121 0.79 1.75 5.37
CA PHE A 121 0.44 1.14 4.12
C PHE A 121 1.57 0.24 3.62
N VAL A 122 1.21 -0.95 3.16
CA VAL A 122 2.14 -1.82 2.44
C VAL A 122 1.89 -1.55 0.96
N ILE A 123 3.00 -1.16 0.27
CA ILE A 123 2.88 -0.67 -1.14
C ILE A 123 3.53 -1.56 -2.21
N GLY A 124 3.95 -2.75 -1.77
CA GLY A 124 4.44 -3.78 -2.68
C GLY A 124 5.91 -4.02 -2.40
N GLY A 125 6.57 -4.87 -3.15
CA GLY A 125 6.01 -5.65 -4.30
C GLY A 125 5.46 -7.03 -3.87
N ALA A 126 5.51 -8.02 -4.79
CA ALA A 126 4.86 -9.31 -4.61
C ALA A 126 5.31 -10.08 -3.31
N GLN A 127 6.62 -10.06 -3.07
CA GLN A 127 7.15 -10.76 -1.89
C GLN A 127 6.71 -10.10 -0.58
N LEU A 128 6.75 -8.76 -0.57
CA LEU A 128 6.22 -8.11 0.65
C LEU A 128 4.69 -8.27 0.83
N TYR A 129 3.97 -8.19 -0.31
CA TYR A 129 2.53 -8.47 -0.22
C TYR A 129 2.24 -9.88 0.38
N LYS A 130 3.08 -10.87 0.03
CA LYS A 130 2.87 -12.21 0.61
C LYS A 130 2.96 -12.18 2.14
N ALA A 131 4.00 -11.52 2.68
CA ALA A 131 4.11 -11.40 4.10
C ALA A 131 2.97 -10.61 4.71
N ALA A 132 2.53 -9.51 4.06
CA ALA A 132 1.43 -8.72 4.59
C ALA A 132 0.11 -9.49 4.65
N MET A 133 -0.16 -10.27 3.57
CA MET A 133 -1.43 -11.06 3.53
C MET A 133 -1.45 -12.12 4.64
N ASP A 134 -0.27 -12.46 5.13
CA ASP A 134 -0.19 -13.43 6.25
C ASP A 134 -0.20 -12.75 7.61
N HIS A 135 -0.09 -11.42 7.67
CA HIS A 135 0.10 -10.71 8.92
C HIS A 135 -1.20 -10.54 9.64
N PRO A 136 -1.28 -10.78 10.96
CA PRO A 136 -2.56 -10.76 11.63
C PRO A 136 -3.19 -9.38 11.81
N LYS A 137 -2.46 -8.28 11.49
CA LYS A 137 -2.98 -6.98 11.63
C LYS A 137 -3.44 -6.36 10.29
N LEU A 138 -3.31 -7.14 9.21
CA LEU A 138 -3.79 -6.62 7.89
C LEU A 138 -5.31 -6.71 7.81
N ASP A 139 -6.00 -5.59 7.66
CA ASP A 139 -7.46 -5.66 7.67
C ASP A 139 -8.12 -4.94 6.51
N ARG A 140 -7.32 -4.40 5.58
CA ARG A 140 -7.90 -3.52 4.60
C ARG A 140 -7.03 -3.57 3.38
N ILE A 141 -7.67 -3.72 2.25
CA ILE A 141 -6.99 -3.69 0.93
C ILE A 141 -7.63 -2.59 0.05
N MET A 142 -6.80 -1.65 -0.36
CA MET A 142 -7.29 -0.61 -1.32
C MET A 142 -6.80 -1.14 -2.69
N ALA A 143 -7.76 -1.67 -3.44
CA ALA A 143 -7.45 -2.37 -4.70
C ALA A 143 -7.87 -1.56 -5.86
N THR A 144 -6.97 -1.38 -6.82
CA THR A 144 -7.39 -0.84 -8.12
C THR A 144 -7.47 -1.99 -9.06
N ILE A 145 -8.65 -2.37 -9.48
CA ILE A 145 -8.80 -3.59 -10.30
C ILE A 145 -8.76 -3.16 -11.77
N ILE A 146 -7.91 -3.87 -12.55
CA ILE A 146 -7.65 -3.51 -13.95
C ILE A 146 -8.31 -4.62 -14.80
N TYR A 147 -9.26 -4.20 -15.62
CA TYR A 147 -10.12 -5.13 -16.40
C TYR A 147 -9.47 -5.56 -17.71
N LYS A 148 -8.28 -6.07 -17.61
CA LYS A 148 -7.57 -6.58 -18.85
C LYS A 148 -6.48 -7.46 -18.30
N ASP A 149 -6.29 -8.63 -18.97
CA ASP A 149 -5.29 -9.62 -18.55
C ASP A 149 -3.97 -9.22 -19.19
N ILE A 150 -3.47 -8.09 -18.77
CA ILE A 150 -2.17 -7.52 -19.26
C ILE A 150 -1.06 -8.46 -18.83
N HIS A 151 -0.14 -8.76 -19.77
CA HIS A 151 0.85 -9.75 -19.41
C HIS A 151 1.75 -9.31 -18.27
N CYS A 152 1.80 -10.10 -17.19
CA CYS A 152 2.64 -9.83 -16.04
C CYS A 152 3.55 -11.02 -15.70
N ASP A 153 4.62 -10.69 -14.98
CA ASP A 153 5.55 -11.70 -14.53
C ASP A 153 5.57 -11.86 -13.02
N VAL A 154 4.83 -11.01 -12.30
CA VAL A 154 4.66 -11.05 -10.85
C VAL A 154 3.18 -10.96 -10.56
N PHE A 155 2.72 -11.74 -9.58
CA PHE A 155 1.30 -11.88 -9.26
C PHE A 155 1.04 -11.64 -7.79
N PHE A 156 -0.18 -11.19 -7.51
CA PHE A 156 -0.61 -10.97 -6.08
C PHE A 156 -0.79 -12.35 -5.42
N PRO A 157 -0.44 -12.49 -4.15
CA PRO A 157 -0.35 -13.89 -3.65
C PRO A 157 -1.67 -14.59 -3.22
N LEU A 158 -2.74 -13.84 -2.97
CA LEU A 158 -3.95 -14.46 -2.39
C LEU A 158 -5.09 -13.86 -3.21
N LYS A 159 -6.01 -14.70 -3.69
CA LYS A 159 -7.07 -14.26 -4.60
C LYS A 159 -8.29 -13.72 -3.79
N PHE A 160 -8.06 -12.55 -3.20
CA PHE A 160 -9.00 -11.99 -2.22
C PHE A 160 -10.29 -11.54 -2.78
N ARG A 161 -10.38 -11.33 -4.09
CA ARG A 161 -11.63 -10.93 -4.75
C ARG A 161 -12.51 -12.11 -5.22
N ASP A 162 -11.97 -13.36 -5.09
CA ASP A 162 -12.59 -14.57 -5.61
C ASP A 162 -13.50 -15.22 -4.58
N LYS A 163 -14.34 -16.13 -5.11
CA LYS A 163 -15.35 -16.78 -4.27
C LYS A 163 -14.72 -17.47 -3.05
N GLU A 164 -13.56 -18.11 -3.22
CA GLU A 164 -12.97 -18.87 -2.11
C GLU A 164 -12.65 -18.04 -0.86
N TRP A 165 -12.45 -16.74 -1.07
CA TRP A 165 -12.08 -15.79 0.05
C TRP A 165 -13.19 -14.89 0.45
N SER A 166 -14.35 -15.12 -0.11
CA SER A 166 -15.45 -14.15 0.06
C SER A 166 -16.16 -14.18 1.41
N SER A 167 -15.89 -15.21 2.22
CA SER A 167 -16.42 -15.14 3.61
C SER A 167 -15.46 -14.33 4.49
N VAL A 168 -14.22 -14.10 4.08
CA VAL A 168 -13.26 -13.32 4.86
C VAL A 168 -13.18 -11.89 4.36
N TRP A 169 -12.96 -11.71 3.04
CA TRP A 169 -12.86 -10.34 2.45
C TRP A 169 -14.12 -9.88 1.79
N LYS A 170 -14.51 -8.66 2.17
CA LYS A 170 -15.78 -8.10 1.70
C LYS A 170 -15.49 -6.75 1.08
N LYS A 171 -16.14 -6.47 -0.06
CA LYS A 171 -15.97 -5.17 -0.74
C LYS A 171 -16.89 -4.16 -0.14
N GLU A 172 -16.36 -3.05 0.32
CA GLU A 172 -17.22 -2.04 0.92
C GLU A 172 -17.91 -1.13 -0.11
N LYS A 173 -18.99 -0.50 0.36
CA LYS A 173 -19.67 0.49 -0.50
C LYS A 173 -18.76 1.62 -0.87
N HIS A 174 -18.95 2.17 -2.08
CA HIS A 174 -18.12 3.27 -2.49
C HIS A 174 -18.11 4.45 -1.51
N SER A 175 -19.24 4.80 -0.95
CA SER A 175 -19.27 5.88 0.02
C SER A 175 -18.44 5.60 1.29
N ASP A 176 -18.24 4.33 1.64
CA ASP A 176 -17.37 4.04 2.76
C ASP A 176 -15.91 4.17 2.32
N LEU A 177 -15.59 3.80 1.07
CA LEU A 177 -14.24 4.09 0.55
C LEU A 177 -13.99 5.60 0.64
N GLU A 178 -14.92 6.40 0.12
CA GLU A 178 -14.73 7.86 0.12
C GLU A 178 -14.63 8.40 1.56
N SER A 179 -15.41 7.87 2.51
CA SER A 179 -15.32 8.30 3.91
C SER A 179 -13.89 8.04 4.40
N TRP A 180 -13.35 6.85 4.09
CA TRP A 180 -12.07 6.48 4.69
C TRP A 180 -10.94 7.26 4.05
N VAL A 181 -11.04 7.51 2.74
CA VAL A 181 -10.02 8.27 2.04
C VAL A 181 -10.18 9.81 2.25
N GLY A 182 -11.39 10.21 2.69
CA GLY A 182 -11.66 11.63 2.99
C GLY A 182 -11.88 12.53 1.78
N THR A 183 -12.16 11.94 0.62
CA THR A 183 -12.32 12.76 -0.57
C THR A 183 -13.09 12.03 -1.66
N LYS A 184 -13.79 12.78 -2.48
CA LYS A 184 -14.55 12.17 -3.58
C LYS A 184 -13.56 11.32 -4.41
N VAL A 185 -14.00 10.11 -4.80
CA VAL A 185 -13.18 9.17 -5.60
C VAL A 185 -14.01 8.74 -6.83
N PRO A 186 -13.43 8.70 -8.00
CA PRO A 186 -14.18 8.25 -9.14
C PRO A 186 -14.85 6.91 -8.86
N HIS A 187 -16.16 6.81 -9.21
CA HIS A 187 -16.96 5.65 -8.90
C HIS A 187 -17.26 4.95 -10.18
N GLY A 188 -16.80 3.71 -10.24
CA GLY A 188 -17.09 2.89 -11.39
C GLY A 188 -15.95 2.90 -12.38
N LYS A 189 -16.23 2.40 -13.57
CA LYS A 189 -15.10 2.18 -14.50
C LYS A 189 -14.48 3.44 -15.04
N ILE A 190 -13.16 3.49 -15.03
CA ILE A 190 -12.35 4.58 -15.58
C ILE A 190 -11.68 4.01 -16.81
N ASN A 191 -11.69 4.73 -17.94
CA ASN A 191 -11.05 4.11 -19.14
C ASN A 191 -9.90 4.96 -19.60
N GLU A 192 -8.68 4.45 -19.43
CA GLU A 192 -7.44 5.06 -19.92
C GLU A 192 -6.64 3.86 -20.39
N ASP A 193 -5.71 4.19 -21.32
CA ASP A 193 -4.65 3.32 -21.79
C ASP A 193 -5.25 2.10 -22.53
N GLY A 194 -6.51 2.20 -23.05
CA GLY A 194 -7.26 1.11 -23.81
C GLY A 194 -8.17 0.08 -23.06
N PHE A 195 -8.43 0.27 -21.76
CA PHE A 195 -9.18 -0.73 -20.96
C PHE A 195 -9.75 0.03 -19.73
N ASP A 196 -10.65 -0.63 -19.03
CA ASP A 196 -11.29 -0.04 -17.85
C ASP A 196 -10.58 -0.49 -16.60
N TYR A 197 -10.63 0.34 -15.57
CA TYR A 197 -10.17 -0.01 -14.24
C TYR A 197 -11.03 0.70 -13.21
N GLU A 198 -10.96 0.30 -11.91
CA GLU A 198 -11.78 1.01 -10.92
C GLU A 198 -11.20 0.86 -9.55
N PHE A 199 -11.55 1.78 -8.64
CA PHE A 199 -11.06 1.72 -7.29
C PHE A 199 -12.04 1.00 -6.39
N GLU A 200 -11.48 0.15 -5.51
CA GLU A 200 -12.33 -0.65 -4.58
C GLU A 200 -11.61 -0.68 -3.23
N MET A 201 -12.39 -0.87 -2.15
CA MET A 201 -11.86 -1.08 -0.78
C MET A 201 -12.47 -2.35 -0.21
N TRP A 202 -11.58 -3.24 0.21
CA TRP A 202 -11.97 -4.55 0.75
C TRP A 202 -11.49 -4.65 2.15
N THR A 203 -12.33 -5.22 3.01
CA THR A 203 -11.93 -5.31 4.45
C THR A 203 -12.20 -6.68 5.00
N ARG A 204 -11.58 -6.99 6.13
CA ARG A 204 -11.82 -8.27 6.79
C ARG A 204 -11.82 -8.00 8.28
N ASP A 205 -12.37 -8.95 9.03
CA ASP A 205 -12.33 -8.85 10.50
C ASP A 205 -11.01 -9.41 11.01
N LEU A 206 -10.39 -8.76 11.96
CA LEU A 206 -9.14 -9.31 12.53
C LEU A 206 -9.49 -10.46 13.48
#